data_6T2X
#
_entry.id   6T2X
#
_cell.length_a   62.890
_cell.length_b   89.360
_cell.length_c   61.440
_cell.angle_alpha   90.000
_cell.angle_beta   96.730
_cell.angle_gamma   90.000
#
_symmetry.space_group_name_H-M   'C 1 2 1'
#
loop_
_entity.id
_entity.type
_entity.pdbx_description
1 polymer 'Genome polyprotein'
2 polymer 'Genome polyprotein'
3 non-polymer 'PHOSPHATE ION'
4 non-polymer 1-(3-chlorophenyl)-N-methylmethanamine
5 water water
#
loop_
_entity_poly.entity_id
_entity_poly.type
_entity_poly.pdbx_seq_one_letter_code
_entity_poly.pdbx_strand_id
1 'polypeptide(L)'
;APPTLWSRVTKFGSGWGFWVSPTVFITTTHVIPTSAKEFFGEPLTSIAIHRAGEFTLFRFSKKIRPDLTGMILEEGCPEG
TVCSVLIKRDSGELLPLAVRMGAIASMRIQGRLVHGQSGMLLTGANAKGMDLGTIPGDCGAPYVYKRANDWVVCGVHAAA
TKSGNTVVCAVQ
;
A
2 'polypeptide(L)'
;PPTLWSRVTKFGSGWGFWVSPTVFITTTHVIPTSAKEFFGEPLTSIAIHRAGEFTLFRFSKKIRPDLTGMILEEGCPEGT
VCSVLIKRDSGELLPLAVRMGAIASMRIQGRLVHGQSGMLLTGANAKGMDLGTIPGDCGAPYVYKRANDWVVCGVHAAAT
KSGNTVVCAVQA
;
B
#
loop_
_chem_comp.id
_chem_comp.type
_chem_comp.name
_chem_comp.formula
JFJ non-polymer 1-(3-chlorophenyl)-N-methylmethanamine 'C8 H10 Cl N'
PO4 non-polymer 'PHOSPHATE ION' 'O4 P -3'
#
# COMPACT_ATOMS: atom_id res chain seq x y z
N ALA A 1 -3.16 3.00 9.18
CA ALA A 1 -3.21 2.25 10.49
C ALA A 1 -2.70 3.15 11.60
N PRO A 2 -3.19 3.01 12.85
CA PRO A 2 -2.79 3.90 13.93
C PRO A 2 -1.28 3.90 14.24
N PRO A 3 -0.74 5.09 14.60
CA PRO A 3 0.67 5.19 15.03
C PRO A 3 1.12 4.15 16.06
N THR A 4 0.29 3.79 17.04
CA THR A 4 0.69 2.80 18.06
C THR A 4 0.98 1.46 17.39
N LEU A 5 0.27 1.11 16.29
CA LEU A 5 0.59 -0.18 15.63
C LEU A 5 1.92 -0.05 14.90
N TRP A 6 2.17 1.06 14.20
CA TRP A 6 3.48 1.15 13.51
C TRP A 6 4.63 1.13 14.54
N SER A 7 4.44 1.76 15.71
CA SER A 7 5.47 1.82 16.79
C SER A 7 5.92 0.43 17.23
N ARG A 8 5.03 -0.57 17.10
CA ARG A 8 5.33 -1.95 17.55
C ARG A 8 6.14 -2.72 16.50
N VAL A 9 6.17 -2.26 15.25
CA VAL A 9 6.88 -2.93 14.15
C VAL A 9 8.40 -2.62 14.29
N THR A 10 9.20 -3.66 14.46
CA THR A 10 10.63 -3.63 14.89
C THR A 10 11.54 -4.33 13.88
N LYS A 11 12.63 -3.67 13.45
CA LYS A 11 13.62 -4.33 12.57
C LYS A 11 14.30 -5.43 13.37
N PHE A 12 14.37 -6.65 12.83
CA PHE A 12 14.78 -7.86 13.59
C PHE A 12 15.36 -8.90 12.65
N GLY A 13 16.62 -9.28 12.89
CA GLY A 13 17.29 -10.29 12.02
C GLY A 13 17.20 -9.85 10.57
N SER A 14 16.79 -10.72 9.67
CA SER A 14 16.64 -10.50 8.21
C SER A 14 15.26 -9.93 7.83
N GLY A 15 14.44 -9.53 8.80
CA GLY A 15 13.08 -9.01 8.54
C GLY A 15 12.61 -8.15 9.69
N TRP A 16 11.46 -8.53 10.28
CA TRP A 16 10.68 -7.73 11.26
C TRP A 16 10.14 -8.64 12.37
N GLY A 17 9.76 -8.02 13.47
CA GLY A 17 8.81 -8.63 14.44
C GLY A 17 7.91 -7.56 15.04
N PHE A 18 7.07 -7.96 15.99
CA PHE A 18 5.93 -7.13 16.45
C PHE A 18 5.72 -7.30 17.95
N TRP A 19 5.75 -6.18 18.69
CA TRP A 19 5.42 -6.15 20.12
C TRP A 19 3.89 -6.16 20.37
N VAL A 20 3.36 -7.31 20.81
CA VAL A 20 1.96 -7.47 21.27
C VAL A 20 1.70 -6.75 22.62
N SER A 21 2.72 -6.74 23.49
CA SER A 21 2.65 -6.15 24.86
C SER A 21 4.05 -5.72 25.29
N PRO A 22 4.23 -5.14 26.50
CA PRO A 22 5.60 -4.86 26.97
C PRO A 22 6.53 -6.08 27.10
N THR A 23 6.01 -7.31 27.22
CA THR A 23 6.82 -8.54 27.42
C THR A 23 6.75 -9.54 26.25
N VAL A 24 5.88 -9.34 25.23
CA VAL A 24 5.57 -10.38 24.22
C VAL A 24 5.87 -9.82 22.82
N PHE A 25 6.79 -10.53 22.14
CA PHE A 25 7.32 -10.21 20.79
C PHE A 25 7.10 -11.41 19.86
N ILE A 26 6.45 -11.19 18.71
CA ILE A 26 6.17 -12.28 17.71
C ILE A 26 6.93 -11.98 16.41
N THR A 27 7.32 -13.04 15.72
CA THR A 27 8.08 -12.98 14.46
C THR A 27 7.91 -14.31 13.68
N THR A 28 8.47 -14.31 12.48
CA THR A 28 8.55 -15.48 11.58
C THR A 28 9.86 -16.22 11.92
N THR A 29 9.79 -17.53 12.11
CA THR A 29 10.92 -18.37 12.62
C THR A 29 12.18 -18.14 11.75
N HIS A 30 12.06 -18.13 10.42
CA HIS A 30 13.24 -18.08 9.51
C HIS A 30 13.99 -16.74 9.56
N VAL A 31 13.46 -15.64 10.14
CA VAL A 31 14.24 -14.37 10.19
C VAL A 31 15.14 -14.32 11.45
N ILE A 32 14.95 -15.21 12.46
CA ILE A 32 15.73 -15.20 13.74
C ILE A 32 17.17 -15.61 13.41
N PRO A 33 18.20 -14.82 13.79
CA PRO A 33 19.58 -15.25 13.56
C PRO A 33 19.86 -16.53 14.36
N THR A 34 20.37 -17.57 13.68
CA THR A 34 20.50 -18.95 14.23
C THR A 34 21.53 -19.02 15.41
N SER A 35 22.60 -18.24 15.38
CA SER A 35 23.61 -18.27 16.47
C SER A 35 23.23 -17.38 17.67
N ALA A 36 22.13 -16.60 17.62
CA ALA A 36 21.88 -15.53 18.63
C ALA A 36 21.56 -16.11 20.01
N LYS A 37 22.17 -15.55 21.07
CA LYS A 37 22.06 -15.95 22.49
C LYS A 37 21.54 -14.81 23.35
N GLU A 38 21.37 -13.59 22.78
CA GLU A 38 20.91 -12.39 23.51
C GLU A 38 19.90 -11.63 22.63
N PHE A 39 18.78 -11.20 23.20
CA PHE A 39 17.73 -10.40 22.53
C PHE A 39 17.29 -9.28 23.48
N PHE A 40 17.43 -8.04 23.02
CA PHE A 40 17.09 -6.77 23.71
C PHE A 40 17.88 -6.72 25.04
N GLY A 41 19.15 -7.16 24.96
CA GLY A 41 20.09 -7.26 26.08
C GLY A 41 19.77 -8.32 27.13
N GLU A 42 18.90 -9.30 26.87
CA GLU A 42 18.53 -10.37 27.83
C GLU A 42 19.07 -11.70 27.33
N PRO A 43 19.56 -12.59 28.23
CA PRO A 43 19.99 -13.92 27.82
C PRO A 43 18.79 -14.82 27.51
N LEU A 44 18.97 -15.87 26.68
CA LEU A 44 17.95 -16.93 26.37
C LEU A 44 17.31 -17.45 27.66
N THR A 45 18.16 -17.84 28.61
CA THR A 45 17.91 -18.14 30.04
C THR A 45 16.66 -17.44 30.55
N SER A 46 16.47 -16.16 30.22
CA SER A 46 15.45 -15.27 30.82
C SER A 46 14.25 -15.11 29.89
N ILE A 47 14.11 -15.94 28.84
CA ILE A 47 13.06 -15.80 27.79
C ILE A 47 12.37 -17.14 27.58
N ALA A 48 11.03 -17.13 27.53
CA ALA A 48 10.17 -18.29 27.20
C ALA A 48 9.85 -18.25 25.69
N ILE A 49 10.48 -19.12 24.89
CA ILE A 49 10.31 -19.22 23.42
C ILE A 49 9.28 -20.31 23.10
N HIS A 50 8.22 -19.95 22.37
CA HIS A 50 7.09 -20.83 21.93
C HIS A 50 7.06 -20.86 20.40
N ARG A 51 7.50 -21.97 19.82
CA ARG A 51 7.69 -22.09 18.35
C ARG A 51 6.67 -23.10 17.82
N ALA A 52 5.92 -22.69 16.81
CA ALA A 52 5.00 -23.55 16.04
C ALA A 52 5.23 -23.29 14.56
N GLY A 53 6.09 -24.09 13.94
CA GLY A 53 6.49 -23.93 12.53
C GLY A 53 7.15 -22.59 12.30
N GLU A 54 6.59 -21.76 11.39
CA GLU A 54 7.15 -20.43 11.04
C GLU A 54 6.63 -19.34 11.97
N PHE A 55 5.77 -19.67 12.97
CA PHE A 55 5.39 -18.73 14.06
C PHE A 55 6.31 -18.92 15.27
N THR A 56 6.93 -17.83 15.75
CA THR A 56 7.69 -17.84 17.02
C THR A 56 7.23 -16.67 17.93
N LEU A 57 6.91 -16.99 19.18
CA LEU A 57 6.58 -15.99 20.23
C LEU A 57 7.68 -16.02 21.31
N PHE A 58 8.17 -14.83 21.68
CA PHE A 58 9.19 -14.60 22.74
C PHE A 58 8.46 -13.95 23.92
N ARG A 59 8.48 -14.58 25.12
CA ARG A 59 7.92 -13.95 26.35
C ARG A 59 9.08 -13.65 27.31
N PHE A 60 9.30 -12.37 27.58
CA PHE A 60 10.43 -11.85 28.41
C PHE A 60 10.02 -11.83 29.88
N SER A 61 10.98 -11.99 30.79
CA SER A 61 10.66 -12.00 32.25
C SER A 61 10.67 -10.55 32.77
N LYS A 62 11.11 -9.56 31.99
CA LYS A 62 10.93 -8.13 32.33
C LYS A 62 10.29 -7.35 31.17
N LYS A 63 9.82 -6.13 31.45
CA LYS A 63 9.14 -5.24 30.46
C LYS A 63 10.20 -4.57 29.58
N ILE A 64 10.27 -5.01 28.34
CA ILE A 64 11.19 -4.41 27.32
C ILE A 64 10.56 -3.13 26.75
N ARG A 65 9.23 -3.11 26.51
CA ARG A 65 8.49 -1.97 25.88
C ARG A 65 7.38 -1.48 26.81
N PRO A 66 7.73 -0.80 27.93
CA PRO A 66 6.75 -0.32 28.89
C PRO A 66 5.93 0.86 28.36
N ASP A 67 6.32 1.43 27.22
CA ASP A 67 5.50 2.47 26.54
C ASP A 67 4.20 1.86 26.00
N LEU A 68 4.13 0.52 25.81
CA LEU A 68 2.99 -0.13 25.09
C LEU A 68 1.95 -0.69 26.08
N THR A 69 0.69 -0.74 25.60
CA THR A 69 -0.46 -1.48 26.18
C THR A 69 -0.46 -2.89 25.54
N GLY A 70 -0.83 -3.94 26.27
CA GLY A 70 -1.11 -5.24 25.64
C GLY A 70 -2.34 -5.14 24.73
N MET A 71 -2.25 -5.78 23.56
CA MET A 71 -3.39 -5.88 22.62
C MET A 71 -3.75 -7.35 22.34
N ILE A 72 -4.84 -7.58 21.57
CA ILE A 72 -5.31 -8.98 21.29
C ILE A 72 -4.48 -9.63 20.16
N LEU A 73 -3.91 -10.83 20.41
CA LEU A 73 -3.36 -11.75 19.39
C LEU A 73 -4.34 -12.91 19.22
N GLU A 74 -4.84 -13.09 18.01
CA GLU A 74 -5.69 -14.23 17.65
C GLU A 74 -5.00 -15.23 16.72
N GLU A 75 -5.54 -16.47 16.69
CA GLU A 75 -5.00 -17.56 15.83
C GLU A 75 -5.59 -17.44 14.41
N GLY A 76 -5.04 -16.56 13.58
CA GLY A 76 -5.60 -16.25 12.26
C GLY A 76 -6.92 -15.52 12.37
N CYS A 77 -7.69 -15.37 11.25
CA CYS A 77 -8.99 -14.62 11.20
C CYS A 77 -9.99 -15.36 10.31
N PRO A 78 -11.30 -15.02 10.38
CA PRO A 78 -12.29 -15.69 9.54
C PRO A 78 -11.92 -15.46 8.06
N GLU A 79 -12.29 -16.39 7.20
CA GLU A 79 -12.18 -16.22 5.74
C GLU A 79 -13.01 -15.01 5.38
N GLY A 80 -12.51 -14.29 4.39
CA GLY A 80 -13.19 -13.09 3.89
C GLY A 80 -12.75 -11.84 4.61
N THR A 81 -12.04 -11.94 5.77
CA THR A 81 -11.54 -10.75 6.48
C THR A 81 -10.56 -10.04 5.56
N VAL A 82 -10.65 -8.71 5.47
CA VAL A 82 -9.58 -7.90 4.80
C VAL A 82 -8.62 -7.44 5.91
N CYS A 83 -7.34 -7.84 5.81
CA CYS A 83 -6.28 -7.40 6.72
C CYS A 83 -5.39 -6.35 6.03
N SER A 84 -4.61 -5.64 6.84
CA SER A 84 -3.42 -4.88 6.38
C SER A 84 -2.15 -5.55 6.86
N VAL A 85 -1.15 -5.66 5.95
CA VAL A 85 0.20 -6.16 6.34
C VAL A 85 1.08 -4.90 6.56
N LEU A 86 1.61 -4.70 7.79
CA LEU A 86 2.27 -3.41 8.13
C LEU A 86 3.75 -3.46 7.73
N ILE A 87 4.02 -3.02 6.50
CA ILE A 87 5.35 -3.13 5.83
C ILE A 87 6.08 -1.79 5.86
N LYS A 88 7.30 -1.75 6.40
CA LYS A 88 8.17 -0.53 6.38
C LYS A 88 9.13 -0.63 5.19
N ARG A 89 9.26 0.45 4.38
CA ARG A 89 10.14 0.43 3.17
C ARG A 89 11.15 1.59 3.19
N ASP A 90 12.17 1.50 2.32
CA ASP A 90 13.31 2.45 2.27
C ASP A 90 12.74 3.88 2.38
N SER A 91 12.69 4.38 3.62
CA SER A 91 12.88 5.81 4.01
C SER A 91 11.73 6.38 4.85
N GLY A 92 11.35 5.71 5.93
CA GLY A 92 10.11 6.09 6.65
C GLY A 92 8.88 6.07 5.76
N GLU A 93 8.93 5.38 4.61
CA GLU A 93 7.63 5.11 3.91
C GLU A 93 6.98 3.88 4.54
N LEU A 94 5.67 4.00 4.73
CA LEU A 94 4.87 2.99 5.42
C LEU A 94 3.84 2.42 4.42
N LEU A 95 3.83 1.10 4.23
CA LEU A 95 3.02 0.45 3.17
C LEU A 95 2.04 -0.56 3.83
N PRO A 96 0.83 -0.14 4.24
CA PRO A 96 -0.19 -1.05 4.80
C PRO A 96 -0.91 -1.80 3.67
N LEU A 97 -0.35 -2.95 3.24
CA LEU A 97 -0.85 -3.62 2.02
C LEU A 97 -2.17 -4.33 2.39
N ALA A 98 -3.21 -4.12 1.60
CA ALA A 98 -4.55 -4.75 1.74
C ALA A 98 -4.49 -6.21 1.24
N VAL A 99 -4.89 -7.21 2.05
N VAL A 99 -5.12 -7.08 2.00
CA VAL A 99 -4.98 -8.68 1.69
CA VAL A 99 -5.08 -8.53 1.72
C VAL A 99 -6.34 -9.26 2.11
C VAL A 99 -6.44 -9.14 2.09
N ARG A 100 -7.02 -9.96 1.19
CA ARG A 100 -8.23 -10.75 1.50
C ARG A 100 -7.79 -12.14 2.00
N MET A 101 -8.20 -12.53 3.19
CA MET A 101 -7.70 -13.77 3.80
C MET A 101 -8.63 -14.95 3.39
N GLY A 102 -8.00 -16.12 3.23
CA GLY A 102 -8.65 -17.41 2.92
C GLY A 102 -8.39 -18.48 3.95
N ALA A 103 -8.40 -19.72 3.51
CA ALA A 103 -8.24 -20.93 4.35
C ALA A 103 -6.79 -21.12 4.81
N ILE A 104 -6.64 -21.85 5.91
CA ILE A 104 -5.37 -22.52 6.30
C ILE A 104 -4.89 -23.41 5.14
N ALA A 105 -3.62 -23.30 4.80
CA ALA A 105 -3.04 -23.99 3.62
C ALA A 105 -1.64 -24.58 3.92
N SER A 106 -1.31 -25.66 3.22
CA SER A 106 0.07 -26.17 3.08
C SER A 106 0.48 -26.05 1.62
N MET A 107 1.61 -25.41 1.33
CA MET A 107 2.11 -25.06 -0.02
C MET A 107 3.59 -25.39 -0.13
N ARG A 108 4.07 -25.48 -1.35
CA ARG A 108 5.50 -25.48 -1.67
C ARG A 108 5.78 -24.19 -2.45
N ILE A 109 6.62 -23.33 -1.91
CA ILE A 109 7.00 -22.01 -2.50
C ILE A 109 8.52 -21.99 -2.64
N GLN A 110 9.02 -22.05 -3.88
CA GLN A 110 10.46 -22.09 -4.22
C GLN A 110 11.19 -23.08 -3.27
N GLY A 111 10.92 -24.39 -3.37
CA GLY A 111 11.53 -25.37 -2.42
C GLY A 111 11.64 -24.85 -0.98
N ARG A 112 10.55 -24.35 -0.45
CA ARG A 112 10.30 -24.35 1.01
C ARG A 112 8.89 -24.93 1.17
N LEU A 113 8.63 -25.77 2.17
CA LEU A 113 7.26 -26.20 2.52
C LEU A 113 6.77 -25.25 3.60
N VAL A 114 5.65 -24.58 3.31
CA VAL A 114 5.08 -23.45 4.11
C VAL A 114 3.66 -23.80 4.54
N HIS A 115 3.35 -23.55 5.82
CA HIS A 115 2.03 -23.79 6.45
C HIS A 115 1.54 -22.53 7.15
N GLY A 116 0.34 -22.08 6.81
CA GLY A 116 -0.27 -20.92 7.47
C GLY A 116 -1.62 -20.52 6.89
N GLN A 117 -2.03 -19.27 7.12
CA GLN A 117 -3.31 -18.75 6.57
C GLN A 117 -2.97 -18.06 5.23
N SER A 118 -3.57 -18.56 4.14
CA SER A 118 -3.39 -17.98 2.81
C SER A 118 -4.22 -16.71 2.70
N GLY A 119 -3.77 -15.85 1.80
CA GLY A 119 -4.47 -14.62 1.39
C GLY A 119 -4.11 -14.18 -0.01
N MET A 120 -4.90 -13.25 -0.57
CA MET A 120 -4.65 -12.67 -1.90
C MET A 120 -4.55 -11.14 -1.79
N LEU A 121 -3.50 -10.57 -2.39
CA LEU A 121 -3.34 -9.11 -2.33
C LEU A 121 -4.48 -8.38 -3.03
N LEU A 122 -4.85 -7.20 -2.48
CA LEU A 122 -5.89 -6.31 -3.05
C LEU A 122 -5.28 -5.00 -3.50
N THR A 123 -4.01 -5.01 -3.88
CA THR A 123 -3.28 -3.80 -4.24
C THR A 123 -3.27 -3.54 -5.75
N GLY A 124 -3.53 -4.56 -6.54
CA GLY A 124 -3.34 -4.56 -8.02
C GLY A 124 -3.38 -5.97 -8.58
N ALA A 125 -3.39 -6.17 -9.90
CA ALA A 125 -3.64 -7.55 -10.44
C ALA A 125 -2.35 -8.32 -10.69
N ASN A 126 -1.23 -7.65 -10.93
CA ASN A 126 0.06 -8.37 -11.18
C ASN A 126 1.08 -7.74 -10.23
N ALA A 127 1.00 -8.12 -8.94
CA ALA A 127 1.59 -7.40 -7.80
C ALA A 127 3.06 -7.78 -7.56
N LYS A 128 3.68 -8.50 -8.48
CA LYS A 128 5.05 -9.04 -8.27
C LYS A 128 6.08 -7.90 -8.15
N GLY A 129 6.79 -7.83 -7.05
CA GLY A 129 7.80 -6.76 -6.89
C GLY A 129 7.36 -5.69 -5.91
N MET A 130 8.25 -4.72 -5.67
CA MET A 130 8.26 -3.91 -4.44
C MET A 130 7.18 -2.79 -4.49
N ASP A 131 6.66 -2.37 -5.66
CA ASP A 131 5.76 -1.18 -5.66
C ASP A 131 4.37 -1.56 -5.11
N LEU A 132 3.84 -2.75 -5.47
CA LEU A 132 2.45 -3.15 -5.14
C LEU A 132 2.42 -4.46 -4.32
N GLY A 133 3.57 -5.13 -4.18
CA GLY A 133 3.65 -6.43 -3.50
C GLY A 133 4.73 -6.54 -2.44
N THR A 134 4.96 -7.76 -2.00
CA THR A 134 5.93 -8.10 -0.94
C THR A 134 7.29 -8.46 -1.55
N ILE A 135 8.33 -8.31 -0.73
CA ILE A 135 9.74 -8.71 -1.03
C ILE A 135 10.23 -9.58 0.14
N PRO A 136 11.27 -10.42 -0.04
CA PRO A 136 11.70 -11.32 1.05
C PRO A 136 12.04 -10.62 2.39
N GLY A 137 12.52 -9.36 2.33
CA GLY A 137 12.85 -8.53 3.52
C GLY A 137 11.62 -8.11 4.31
N ASP A 138 10.40 -8.42 3.84
CA ASP A 138 9.16 -8.12 4.60
C ASP A 138 8.78 -9.22 5.58
N CYS A 139 9.48 -10.36 5.62
CA CYS A 139 9.08 -11.49 6.50
C CYS A 139 9.11 -11.03 7.99
N GLY A 140 8.05 -11.40 8.73
CA GLY A 140 7.80 -11.01 10.13
C GLY A 140 6.82 -9.84 10.28
N ALA A 141 6.49 -9.10 9.19
CA ALA A 141 5.53 -7.98 9.26
C ALA A 141 4.17 -8.48 9.74
N PRO A 142 3.49 -7.74 10.65
CA PRO A 142 2.19 -8.19 11.13
C PRO A 142 0.98 -8.01 10.20
N TYR A 143 0.04 -8.96 10.33
CA TYR A 143 -1.29 -8.91 9.69
C TYR A 143 -2.27 -8.40 10.77
N VAL A 144 -2.92 -7.25 10.52
CA VAL A 144 -3.86 -6.66 11.51
C VAL A 144 -5.20 -6.33 10.84
N TYR A 145 -6.25 -6.21 11.64
CA TYR A 145 -7.55 -5.73 11.16
C TYR A 145 -8.28 -5.06 12.32
N LYS A 146 -9.20 -4.17 11.96
CA LYS A 146 -10.06 -3.46 12.94
C LYS A 146 -11.36 -4.26 13.19
N ARG A 147 -11.73 -4.49 14.46
CA ARG A 147 -13.03 -5.14 14.79
CA ARG A 147 -13.05 -5.11 14.74
C ARG A 147 -13.82 -4.21 15.72
N ALA A 148 -14.95 -3.66 15.26
CA ALA A 148 -15.77 -2.66 15.99
C ALA A 148 -14.89 -1.53 16.55
N ASN A 149 -14.45 -1.58 17.81
CA ASN A 149 -13.75 -0.45 18.47
C ASN A 149 -12.24 -0.69 18.62
N ASP A 150 -11.77 -1.91 18.34
CA ASP A 150 -10.45 -2.52 18.69
C ASP A 150 -9.68 -2.81 17.40
N TRP A 151 -8.36 -2.88 17.42
CA TRP A 151 -7.51 -3.60 16.41
C TRP A 151 -6.99 -4.92 16.97
N VAL A 152 -6.80 -5.89 16.08
CA VAL A 152 -6.35 -7.27 16.38
C VAL A 152 -5.10 -7.52 15.51
N VAL A 153 -4.14 -8.29 16.05
CA VAL A 153 -3.07 -8.91 15.26
C VAL A 153 -3.37 -10.41 15.12
N CYS A 154 -3.24 -10.96 13.91
CA CYS A 154 -3.65 -12.37 13.69
C CYS A 154 -2.56 -13.19 12.99
N GLY A 155 -1.37 -12.64 12.77
CA GLY A 155 -0.24 -13.45 12.27
C GLY A 155 0.91 -12.58 11.80
N VAL A 156 1.94 -13.24 11.29
CA VAL A 156 3.14 -12.57 10.73
C VAL A 156 3.46 -13.09 9.32
N HIS A 157 4.06 -12.24 8.47
CA HIS A 157 4.30 -12.57 7.03
C HIS A 157 5.36 -13.68 6.92
N ALA A 158 5.05 -14.79 6.21
CA ALA A 158 5.93 -15.97 6.11
C ALA A 158 6.45 -16.17 4.70
N ALA A 159 5.63 -15.89 3.69
CA ALA A 159 5.98 -16.21 2.28
C ALA A 159 5.04 -15.55 1.27
N ALA A 160 5.47 -15.50 0.01
CA ALA A 160 4.66 -15.11 -1.15
C ALA A 160 5.03 -16.00 -2.34
N THR A 161 4.04 -16.26 -3.19
CA THR A 161 4.28 -17.04 -4.42
C THR A 161 5.14 -16.26 -5.42
N LYS A 162 5.69 -16.99 -6.39
CA LYS A 162 6.49 -16.41 -7.52
C LYS A 162 5.69 -15.28 -8.22
N SER A 163 4.40 -15.48 -8.47
CA SER A 163 3.48 -14.50 -9.11
C SER A 163 3.30 -13.27 -8.22
N GLY A 164 3.44 -13.44 -6.90
CA GLY A 164 3.25 -12.35 -5.90
C GLY A 164 1.80 -12.18 -5.46
N ASN A 165 0.79 -12.79 -6.14
CA ASN A 165 -0.63 -12.52 -5.81
C ASN A 165 -1.06 -13.22 -4.51
N THR A 166 -0.48 -14.39 -4.19
CA THR A 166 -0.79 -15.17 -2.96
C THR A 166 0.30 -14.92 -1.89
N VAL A 167 -0.13 -14.68 -0.66
CA VAL A 167 0.77 -14.55 0.52
C VAL A 167 0.35 -15.57 1.59
N VAL A 168 1.25 -15.86 2.53
CA VAL A 168 0.97 -16.76 3.66
C VAL A 168 1.37 -16.06 4.97
N CYS A 169 0.43 -15.97 5.90
CA CYS A 169 0.53 -15.48 7.30
C CYS A 169 0.89 -16.68 8.21
N ALA A 170 2.00 -16.71 8.94
CA ALA A 170 2.18 -17.75 9.99
C ALA A 170 1.29 -17.40 11.20
N VAL A 171 0.63 -18.40 11.80
CA VAL A 171 -0.35 -18.22 12.91
C VAL A 171 0.06 -19.02 14.15
N GLN A 172 -0.35 -18.49 15.29
CA GLN A 172 -0.12 -19.12 16.59
C GLN A 172 -0.95 -20.40 16.62
N PRO B 1 17.46 2.43 -8.81
CA PRO B 1 16.22 2.50 -9.64
C PRO B 1 15.06 3.21 -8.94
N PRO B 2 14.53 4.34 -9.47
CA PRO B 2 13.40 5.02 -8.85
C PRO B 2 12.11 4.23 -9.07
N THR B 3 11.56 3.71 -7.98
CA THR B 3 10.19 3.21 -7.79
C THR B 3 9.14 4.10 -8.49
N LEU B 4 7.95 3.52 -8.77
CA LEU B 4 6.80 4.31 -9.22
C LEU B 4 6.47 5.37 -8.16
N TRP B 5 6.62 5.07 -6.89
CA TRP B 5 6.15 5.98 -5.82
C TRP B 5 6.90 7.32 -5.83
N SER B 6 8.16 7.32 -6.27
CA SER B 6 8.92 8.60 -6.26
C SER B 6 8.33 9.61 -7.26
N ARG B 7 7.52 9.14 -8.21
CA ARG B 7 6.87 10.01 -9.24
C ARG B 7 5.63 10.72 -8.66
N VAL B 8 5.07 10.24 -7.55
CA VAL B 8 3.84 10.79 -6.93
C VAL B 8 4.29 11.94 -6.00
N THR B 9 3.82 13.15 -6.27
CA THR B 9 4.35 14.43 -5.73
C THR B 9 3.19 15.27 -5.15
N LYS B 10 3.34 15.86 -3.97
CA LYS B 10 2.31 16.72 -3.39
C LYS B 10 2.20 17.98 -4.28
N PHE B 11 0.98 18.41 -4.59
CA PHE B 11 0.73 19.50 -5.55
C PHE B 11 -0.62 20.18 -5.28
N GLY B 12 -0.60 21.52 -5.06
CA GLY B 12 -1.85 22.25 -4.83
C GLY B 12 -2.63 21.69 -3.67
N SER B 13 -3.94 21.42 -3.85
CA SER B 13 -4.77 20.83 -2.79
C SER B 13 -4.78 19.28 -2.90
N GLY B 14 -3.93 18.68 -3.75
CA GLY B 14 -3.80 17.21 -3.80
C GLY B 14 -2.42 16.78 -4.26
N TRP B 15 -2.37 16.01 -5.36
CA TRP B 15 -1.17 15.29 -5.81
C TRP B 15 -1.08 15.34 -7.34
N GLY B 16 0.08 14.98 -7.89
CA GLY B 16 0.27 14.69 -9.32
C GLY B 16 1.34 13.64 -9.56
N PHE B 17 1.67 13.40 -10.83
CA PHE B 17 2.52 12.25 -11.23
C PHE B 17 3.44 12.63 -12.38
N TRP B 18 4.74 12.38 -12.18
CA TRP B 18 5.81 12.57 -13.21
C TRP B 18 5.79 11.42 -14.18
N VAL B 19 5.28 11.66 -15.39
CA VAL B 19 5.35 10.69 -16.53
C VAL B 19 6.77 10.57 -17.09
N SER B 20 7.51 11.68 -17.13
CA SER B 20 8.90 11.74 -17.65
C SER B 20 9.61 12.91 -17.00
N PRO B 21 10.89 13.16 -17.32
CA PRO B 21 11.57 14.35 -16.75
C PRO B 21 10.90 15.71 -16.98
N THR B 22 10.06 15.86 -18.01
CA THR B 22 9.43 17.13 -18.46
C THR B 22 7.90 17.12 -18.38
N VAL B 23 7.26 15.97 -18.09
CA VAL B 23 5.78 15.81 -18.20
C VAL B 23 5.22 15.43 -16.82
N PHE B 24 4.32 16.25 -16.31
CA PHE B 24 3.63 16.09 -15.00
C PHE B 24 2.12 16.12 -15.25
N ILE B 25 1.38 15.14 -14.70
CA ILE B 25 -0.10 15.09 -14.86
C ILE B 25 -0.78 15.29 -13.49
N THR B 26 -2.01 15.85 -13.47
CA THR B 26 -2.78 16.10 -12.22
C THR B 26 -4.25 16.29 -12.55
N THR B 27 -5.06 16.38 -11.49
CA THR B 27 -6.50 16.70 -11.58
C THR B 27 -6.68 18.21 -11.64
N THR B 28 -7.46 18.68 -12.58
CA THR B 28 -7.61 20.13 -12.85
C THR B 28 -7.99 20.88 -11.57
N HIS B 29 -8.96 20.40 -10.78
CA HIS B 29 -9.46 21.18 -9.62
C HIS B 29 -8.43 21.34 -8.49
N VAL B 30 -7.32 20.57 -8.43
CA VAL B 30 -6.34 20.75 -7.33
C VAL B 30 -5.30 21.83 -7.70
N ILE B 31 -5.27 22.31 -8.95
CA ILE B 31 -4.18 23.24 -9.41
C ILE B 31 -4.43 24.61 -8.75
N PRO B 32 -3.43 25.26 -8.12
CA PRO B 32 -3.63 26.64 -7.65
C PRO B 32 -4.15 27.58 -8.76
N THR B 33 -5.02 28.50 -8.41
CA THR B 33 -5.59 29.54 -9.31
C THR B 33 -4.82 30.85 -9.21
N SER B 34 -3.92 30.99 -8.25
CA SER B 34 -3.00 32.14 -8.12
C SER B 34 -1.57 31.61 -8.08
N ALA B 35 -0.76 31.81 -9.14
CA ALA B 35 0.62 31.28 -9.26
C ALA B 35 1.42 32.03 -10.34
N LYS B 36 2.73 32.24 -10.11
CA LYS B 36 3.66 32.75 -11.16
C LYS B 36 4.69 31.69 -11.56
N GLU B 37 4.78 30.54 -10.87
CA GLU B 37 5.77 29.49 -11.14
C GLU B 37 5.21 28.18 -10.60
N PHE B 38 5.67 27.07 -11.14
CA PHE B 38 5.54 25.73 -10.53
C PHE B 38 6.89 25.04 -10.56
N PHE B 39 7.26 24.38 -9.45
CA PHE B 39 8.51 23.62 -9.31
C PHE B 39 9.70 24.48 -9.73
N GLY B 40 9.62 25.79 -9.51
CA GLY B 40 10.73 26.75 -9.73
C GLY B 40 10.85 27.25 -11.16
N GLU B 41 9.91 26.89 -12.02
CA GLU B 41 9.90 27.27 -13.45
C GLU B 41 8.79 28.29 -13.65
N PRO B 42 9.09 29.45 -14.30
CA PRO B 42 8.05 30.46 -14.59
C PRO B 42 6.93 29.87 -15.47
N LEU B 43 5.70 30.33 -15.25
CA LEU B 43 4.52 29.83 -16.00
C LEU B 43 4.67 30.21 -17.48
N THR B 44 5.37 31.33 -17.73
CA THR B 44 5.97 31.74 -19.04
C THR B 44 6.40 30.49 -19.82
N SER B 45 7.11 29.55 -19.18
CA SER B 45 7.86 28.47 -19.86
C SER B 45 7.16 27.10 -19.71
N ILE B 46 5.92 27.08 -19.19
CA ILE B 46 5.15 25.80 -19.01
C ILE B 46 3.99 25.78 -20.00
N ALA B 47 3.89 24.73 -20.82
CA ALA B 47 2.68 24.43 -21.64
C ALA B 47 1.69 23.65 -20.78
N ILE B 48 0.47 24.17 -20.68
CA ILE B 48 -0.65 23.57 -19.92
C ILE B 48 -1.72 23.10 -20.91
N HIS B 49 -2.00 21.80 -20.93
CA HIS B 49 -3.10 21.19 -21.72
C HIS B 49 -4.21 20.66 -20.80
N ARG B 50 -5.37 21.29 -20.82
CA ARG B 50 -6.50 21.00 -19.91
C ARG B 50 -7.60 20.34 -20.74
N ALA B 51 -8.10 19.21 -20.27
CA ALA B 51 -9.26 18.51 -20.86
C ALA B 51 -10.19 18.08 -19.73
N GLY B 52 -11.21 18.87 -19.39
CA GLY B 52 -12.05 18.57 -18.22
C GLY B 52 -11.23 18.50 -16.93
N GLU B 53 -11.34 17.39 -16.21
CA GLU B 53 -10.64 17.17 -14.93
C GLU B 53 -9.22 16.61 -15.14
N PHE B 54 -8.72 16.46 -16.37
CA PHE B 54 -7.33 16.01 -16.67
C PHE B 54 -6.49 17.19 -17.11
N THR B 55 -5.33 17.44 -16.47
CA THR B 55 -4.38 18.48 -16.90
C THR B 55 -2.98 17.87 -17.03
N LEU B 56 -2.31 18.18 -18.12
CA LEU B 56 -0.91 17.84 -18.43
C LEU B 56 -0.09 19.14 -18.53
N PHE B 57 1.01 19.18 -17.78
CA PHE B 57 2.09 20.18 -17.86
C PHE B 57 3.30 19.62 -18.62
N ARG B 58 3.81 20.42 -19.58
CA ARG B 58 5.04 20.11 -20.34
CA ARG B 58 5.08 20.08 -20.27
C ARG B 58 6.08 21.24 -20.06
N PHE B 59 7.12 20.96 -19.29
CA PHE B 59 8.19 21.92 -18.90
C PHE B 59 9.26 22.06 -20.01
N SER B 60 9.88 23.22 -20.17
CA SER B 60 10.93 23.43 -21.20
C SER B 60 12.31 22.99 -20.70
N LYS B 61 12.47 22.64 -19.43
CA LYS B 61 13.70 21.93 -18.96
C LYS B 61 13.37 20.70 -18.10
N LYS B 62 14.40 19.85 -17.94
CA LYS B 62 14.28 18.57 -17.20
C LYS B 62 14.17 18.92 -15.72
N ILE B 63 13.01 18.67 -15.11
CA ILE B 63 12.76 18.92 -13.67
C ILE B 63 13.13 17.64 -12.90
N ARG B 64 12.82 16.47 -13.48
CA ARG B 64 13.13 15.15 -12.86
C ARG B 64 14.02 14.33 -13.78
N PRO B 65 15.30 14.69 -13.97
CA PRO B 65 16.15 13.96 -14.90
C PRO B 65 16.54 12.55 -14.45
N ASP B 66 16.24 12.22 -13.18
CA ASP B 66 16.44 10.87 -12.62
C ASP B 66 15.46 9.87 -13.24
N LEU B 67 14.38 10.35 -13.89
CA LEU B 67 13.30 9.40 -14.36
C LEU B 67 13.49 9.06 -15.84
N THR B 68 13.06 7.86 -16.23
CA THR B 68 12.77 7.50 -17.66
C THR B 68 11.30 7.83 -17.99
N GLY B 69 10.99 8.00 -19.28
CA GLY B 69 9.64 8.25 -19.77
C GLY B 69 8.80 6.97 -19.74
N MET B 70 7.56 7.12 -19.25
CA MET B 70 6.55 6.04 -19.12
C MET B 70 5.49 6.17 -20.21
N ILE B 71 4.81 5.06 -20.49
CA ILE B 71 3.64 5.06 -21.42
C ILE B 71 2.45 5.72 -20.73
N LEU B 72 1.89 6.78 -21.33
CA LEU B 72 0.62 7.44 -20.94
C LEU B 72 -0.42 7.11 -22.01
N GLU B 73 -1.56 6.54 -21.61
CA GLU B 73 -2.67 6.22 -22.55
C GLU B 73 -3.95 6.90 -22.06
N GLU B 74 -4.92 6.99 -22.98
CA GLU B 74 -6.22 7.67 -22.77
C GLU B 74 -7.17 6.66 -22.12
N GLY B 75 -7.08 6.46 -20.81
CA GLY B 75 -7.84 5.35 -20.18
C GLY B 75 -7.29 3.99 -20.51
N CYS B 76 -8.05 2.95 -20.17
CA CYS B 76 -7.64 1.53 -20.37
C CYS B 76 -8.85 0.67 -20.80
N PRO B 77 -8.60 -0.56 -21.30
CA PRO B 77 -9.69 -1.44 -21.72
C PRO B 77 -10.64 -1.67 -20.53
N GLU B 78 -11.92 -1.76 -20.84
CA GLU B 78 -12.96 -2.09 -19.83
C GLU B 78 -12.55 -3.41 -19.19
N GLY B 79 -12.65 -3.46 -17.86
CA GLY B 79 -12.31 -4.66 -17.08
C GLY B 79 -10.85 -4.71 -16.58
N THR B 80 -9.96 -3.84 -17.08
CA THR B 80 -8.57 -3.77 -16.52
C THR B 80 -8.63 -3.46 -15.02
N VAL B 81 -7.87 -4.17 -14.20
CA VAL B 81 -7.67 -3.84 -12.77
C VAL B 81 -6.44 -2.89 -12.70
N CYS B 82 -6.68 -1.62 -12.37
CA CYS B 82 -5.64 -0.61 -12.11
C CYS B 82 -5.31 -0.59 -10.61
N SER B 83 -4.20 0.04 -10.29
CA SER B 83 -3.92 0.52 -8.91
C SER B 83 -3.98 2.05 -8.90
N VAL B 84 -4.64 2.60 -7.89
CA VAL B 84 -4.57 4.05 -7.60
C VAL B 84 -3.45 4.24 -6.56
N LEU B 85 -2.40 5.00 -6.93
CA LEU B 85 -1.22 5.16 -6.04
C LEU B 85 -1.42 6.32 -5.06
N ILE B 86 -2.06 6.06 -3.95
CA ILE B 86 -2.43 7.12 -2.96
C ILE B 86 -1.26 7.35 -1.98
N LYS B 87 -0.78 8.60 -1.86
CA LYS B 87 0.10 9.01 -0.76
C LYS B 87 -0.69 9.81 0.27
N ARG B 88 -0.35 9.64 1.55
CA ARG B 88 -0.99 10.36 2.68
C ARG B 88 0.08 11.18 3.40
N ASP B 89 -0.33 12.26 4.04
CA ASP B 89 0.63 13.12 4.78
C ASP B 89 1.21 12.39 6.02
N SER B 90 0.69 11.25 6.47
CA SER B 90 1.39 10.44 7.51
C SER B 90 2.72 9.81 7.02
N GLY B 91 2.93 9.68 5.73
CA GLY B 91 4.03 8.88 5.18
C GLY B 91 3.50 7.52 4.72
N GLU B 92 2.21 7.26 4.83
CA GLU B 92 1.62 6.01 4.27
C GLU B 92 1.49 6.09 2.74
N LEU B 93 1.74 4.93 2.12
CA LEU B 93 1.56 4.59 0.69
C LEU B 93 0.43 3.57 0.60
N LEU B 94 -0.67 3.89 -0.11
CA LEU B 94 -1.88 3.03 -0.14
C LEU B 94 -2.24 2.66 -1.59
N PRO B 95 -1.62 1.60 -2.16
CA PRO B 95 -2.01 1.15 -3.50
C PRO B 95 -3.35 0.39 -3.37
N LEU B 96 -4.40 0.87 -4.02
CA LEU B 96 -5.74 0.21 -3.98
C LEU B 96 -6.14 -0.31 -5.38
N ALA B 97 -6.54 -1.57 -5.47
CA ALA B 97 -7.03 -2.18 -6.75
C ALA B 97 -8.44 -1.63 -7.08
N VAL B 98 -8.61 -1.26 -8.34
CA VAL B 98 -9.85 -0.67 -8.87
C VAL B 98 -10.16 -1.38 -10.19
N ARG B 99 -11.40 -1.93 -10.33
CA ARG B 99 -11.87 -2.52 -11.61
C ARG B 99 -12.38 -1.39 -12.48
N MET B 100 -11.81 -1.18 -13.65
CA MET B 100 -12.20 -0.03 -14.51
C MET B 100 -13.38 -0.45 -15.42
N GLY B 101 -14.31 0.47 -15.61
CA GLY B 101 -15.48 0.30 -16.48
C GLY B 101 -15.49 1.31 -17.61
N ALA B 102 -16.69 1.73 -17.99
CA ALA B 102 -16.91 2.58 -19.15
C ALA B 102 -16.52 4.01 -18.84
N ILE B 103 -16.23 4.71 -19.92
CA ILE B 103 -16.23 6.21 -19.98
C ILE B 103 -17.67 6.69 -19.83
N ALA B 104 -17.90 7.68 -18.99
CA ALA B 104 -19.28 8.14 -18.76
C ALA B 104 -19.28 9.49 -18.06
N SER B 105 -20.43 10.17 -18.07
CA SER B 105 -20.70 11.29 -17.13
C SER B 105 -21.44 10.74 -15.93
N MET B 106 -20.89 10.87 -14.74
CA MET B 106 -21.58 10.25 -13.62
C MET B 106 -21.84 11.27 -12.55
N ARG B 107 -22.91 10.98 -11.85
CA ARG B 107 -23.43 11.75 -10.73
C ARG B 107 -22.71 11.23 -9.48
N ILE B 108 -21.81 12.06 -8.95
CA ILE B 108 -20.96 11.70 -7.79
C ILE B 108 -21.18 12.79 -6.74
N GLN B 109 -21.85 12.45 -5.63
CA GLN B 109 -22.31 13.45 -4.63
C GLN B 109 -23.23 14.44 -5.37
N GLY B 110 -22.98 15.74 -5.28
CA GLY B 110 -23.80 16.70 -6.05
C GLY B 110 -23.69 16.59 -7.57
N ARG B 111 -22.58 16.06 -8.13
CA ARG B 111 -22.04 16.73 -9.34
C ARG B 111 -21.76 15.76 -10.48
N LEU B 112 -21.82 16.31 -11.71
CA LEU B 112 -21.43 15.59 -12.95
C LEU B 112 -19.91 15.61 -13.11
N VAL B 113 -19.33 14.43 -13.18
CA VAL B 113 -17.89 14.29 -13.48
C VAL B 113 -17.77 13.38 -14.67
N HIS B 114 -16.97 13.76 -15.65
CA HIS B 114 -16.70 12.94 -16.87
C HIS B 114 -15.36 12.23 -16.75
N GLY B 115 -15.34 10.92 -16.97
CA GLY B 115 -14.11 10.15 -16.99
C GLY B 115 -14.37 8.66 -16.99
N GLN B 116 -13.33 7.87 -16.72
CA GLN B 116 -13.48 6.40 -16.70
C GLN B 116 -13.92 5.98 -15.31
N SER B 117 -15.06 5.33 -15.22
CA SER B 117 -15.63 4.86 -13.97
C SER B 117 -14.76 3.68 -13.46
N GLY B 118 -14.76 3.49 -12.15
CA GLY B 118 -14.11 2.30 -11.55
C GLY B 118 -14.79 1.91 -10.23
N MET B 119 -14.60 0.65 -9.84
CA MET B 119 -15.11 0.11 -8.57
C MET B 119 -13.95 -0.39 -7.71
N LEU B 120 -13.81 0.11 -6.48
CA LEU B 120 -12.75 -0.34 -5.57
C LEU B 120 -12.97 -1.83 -5.27
N LEU B 121 -11.90 -2.59 -5.17
CA LEU B 121 -11.96 -4.04 -4.88
C LEU B 121 -11.55 -4.38 -3.45
N THR B 122 -11.60 -3.44 -2.52
CA THR B 122 -11.13 -3.65 -1.12
C THR B 122 -12.28 -3.98 -0.15
N GLY B 123 -13.52 -4.08 -0.63
CA GLY B 123 -14.61 -4.73 0.09
C GLY B 123 -15.49 -3.76 0.86
N ALA B 124 -16.50 -4.34 1.53
CA ALA B 124 -17.72 -3.69 2.05
C ALA B 124 -17.36 -2.28 2.55
N ASN B 125 -16.83 -2.20 3.77
CA ASN B 125 -16.38 -0.94 4.40
C ASN B 125 -14.92 -0.72 4.05
N ALA B 126 -14.45 0.52 4.19
CA ALA B 126 -13.09 0.87 4.63
C ALA B 126 -13.09 0.75 6.17
N LYS B 127 -14.16 1.21 6.83
CA LYS B 127 -14.50 0.90 8.25
C LYS B 127 -13.63 1.73 9.19
N GLY B 128 -12.76 2.59 8.63
CA GLY B 128 -11.62 3.20 9.36
C GLY B 128 -10.35 2.39 9.17
N MET B 129 -10.37 1.38 8.29
CA MET B 129 -9.14 0.72 7.77
C MET B 129 -8.67 1.49 6.52
N ASP B 130 -7.39 1.35 6.19
CA ASP B 130 -6.78 1.97 4.98
C ASP B 130 -7.22 1.22 3.71
N LEU B 131 -8.50 1.40 3.32
CA LEU B 131 -9.09 0.60 2.21
C LEU B 131 -9.87 1.45 1.20
N GLY B 132 -9.97 2.76 1.38
CA GLY B 132 -10.70 3.64 0.43
C GLY B 132 -10.05 5.00 0.26
N THR B 133 -10.60 5.83 -0.63
CA THR B 133 -10.07 7.18 -0.94
C THR B 133 -10.72 8.20 -0.01
N ILE B 134 -10.09 9.37 0.15
CA ILE B 134 -10.58 10.57 0.87
C ILE B 134 -10.39 11.79 -0.03
N PRO B 135 -11.08 12.93 0.22
CA PRO B 135 -10.95 14.11 -0.65
C PRO B 135 -9.54 14.62 -1.00
N GLY B 136 -8.63 14.65 -0.03
CA GLY B 136 -7.25 15.07 -0.24
C GLY B 136 -6.43 14.20 -1.20
N ASP B 137 -6.94 13.04 -1.63
CA ASP B 137 -6.21 12.10 -2.52
C ASP B 137 -6.32 12.52 -3.99
N CYS B 138 -7.08 13.55 -4.35
CA CYS B 138 -7.26 13.89 -5.78
C CYS B 138 -5.91 14.14 -6.46
N GLY B 139 -5.80 13.67 -7.69
CA GLY B 139 -4.63 13.71 -8.56
C GLY B 139 -3.75 12.48 -8.50
N ALA B 140 -3.98 11.56 -7.58
CA ALA B 140 -3.24 10.30 -7.54
C ALA B 140 -3.40 9.56 -8.87
N PRO B 141 -2.32 8.93 -9.38
CA PRO B 141 -2.39 8.26 -10.68
C PRO B 141 -3.06 6.88 -10.64
N TYR B 142 -3.66 6.50 -11.78
CA TYR B 142 -4.09 5.11 -12.07
C TYR B 142 -3.04 4.42 -12.94
N VAL B 143 -2.52 3.26 -12.51
CA VAL B 143 -1.45 2.55 -13.25
C VAL B 143 -1.78 1.03 -13.36
N TYR B 144 -1.22 0.37 -14.36
CA TYR B 144 -1.25 -1.11 -14.42
C TYR B 144 -0.06 -1.65 -15.22
N LYS B 145 0.25 -2.93 -15.01
CA LYS B 145 1.40 -3.57 -15.69
C LYS B 145 0.86 -4.37 -16.88
N ARG B 146 1.48 -4.17 -18.02
CA ARG B 146 1.07 -4.76 -19.32
C ARG B 146 2.33 -5.34 -19.95
N ALA B 147 2.41 -6.68 -20.00
CA ALA B 147 3.63 -7.46 -20.28
C ALA B 147 4.72 -6.95 -19.33
N ASN B 148 5.77 -6.32 -19.87
CA ASN B 148 6.91 -5.77 -19.10
C ASN B 148 6.68 -4.31 -18.74
N ASP B 149 5.67 -3.65 -19.30
CA ASP B 149 5.61 -2.18 -19.24
C ASP B 149 4.60 -1.71 -18.19
N TRP B 150 4.99 -0.75 -17.36
CA TRP B 150 4.04 0.08 -16.57
C TRP B 150 3.32 1.05 -17.49
N VAL B 151 2.01 1.16 -17.32
CA VAL B 151 1.17 2.13 -18.07
C VAL B 151 0.45 3.04 -17.05
N VAL B 152 0.42 4.36 -17.30
CA VAL B 152 -0.39 5.29 -16.50
C VAL B 152 -1.54 5.70 -17.42
N CYS B 153 -2.75 5.65 -16.93
CA CYS B 153 -3.91 5.91 -17.82
C CYS B 153 -4.86 6.99 -17.28
N GLY B 154 -4.56 7.62 -16.15
CA GLY B 154 -5.29 8.83 -15.73
C GLY B 154 -5.03 9.21 -14.28
N VAL B 155 -5.89 10.07 -13.76
CA VAL B 155 -5.70 10.73 -12.42
C VAL B 155 -7.00 10.70 -11.62
N HIS B 156 -6.90 10.57 -10.30
CA HIS B 156 -8.09 10.44 -9.41
C HIS B 156 -8.87 11.79 -9.37
N ALA B 157 -10.13 11.82 -9.79
CA ALA B 157 -10.96 13.06 -9.94
C ALA B 157 -12.08 13.16 -8.89
N ALA B 158 -12.70 12.05 -8.54
CA ALA B 158 -13.88 12.05 -7.68
C ALA B 158 -14.14 10.66 -7.08
N ALA B 159 -14.92 10.62 -6.00
CA ALA B 159 -15.39 9.33 -5.42
C ALA B 159 -16.67 9.57 -4.63
N THR B 160 -17.50 8.55 -4.58
CA THR B 160 -18.69 8.57 -3.69
C THR B 160 -18.24 8.38 -2.24
N LYS B 161 -18.74 9.19 -1.30
CA LYS B 161 -18.55 9.00 0.17
C LYS B 161 -19.07 7.59 0.56
N SER B 162 -20.15 7.13 -0.09
CA SER B 162 -20.62 5.70 -0.04
C SER B 162 -19.68 4.73 -0.79
N GLY B 163 -18.44 4.63 -0.32
CA GLY B 163 -17.49 3.54 -0.65
C GLY B 163 -17.11 3.37 -2.12
N ASN B 164 -18.03 2.82 -2.94
CA ASN B 164 -17.74 1.89 -4.08
C ASN B 164 -17.09 2.55 -5.34
N THR B 165 -17.58 3.70 -5.83
CA THR B 165 -17.35 4.20 -7.19
C THR B 165 -16.34 5.36 -7.15
N VAL B 166 -15.41 5.31 -8.08
CA VAL B 166 -14.35 6.34 -8.32
C VAL B 166 -14.40 6.78 -9.80
N VAL B 167 -13.90 7.97 -10.07
CA VAL B 167 -13.75 8.44 -11.45
C VAL B 167 -12.27 8.77 -11.69
N CYS B 168 -11.72 8.21 -12.76
CA CYS B 168 -10.34 8.45 -13.30
C CYS B 168 -10.48 9.44 -14.48
N ALA B 169 -9.96 10.67 -14.37
CA ALA B 169 -10.00 11.62 -15.49
C ALA B 169 -8.93 11.20 -16.47
N VAL B 170 -9.23 11.26 -17.77
CA VAL B 170 -8.32 10.76 -18.84
C VAL B 170 -7.97 11.89 -19.85
N GLN B 171 -6.87 11.73 -20.55
CA GLN B 171 -6.38 12.63 -21.62
C GLN B 171 -7.36 12.59 -22.79
N ALA B 172 -7.52 13.73 -23.47
CA ALA B 172 -8.20 13.96 -24.78
C ALA B 172 -9.69 13.64 -24.68
P PO4 C . -9.41 -19.89 9.91
O1 PO4 C . -9.37 -19.49 8.40
O2 PO4 C . -10.81 -19.61 10.47
O3 PO4 C . -8.34 -19.05 10.75
O4 PO4 C . -9.12 -21.38 10.01
C01 JFJ D . -9.96 -9.88 -14.22
N02 JFJ D . -10.75 -8.84 -13.56
C03 JFJ D . -10.83 -8.75 -12.11
C04 JFJ D . -12.24 -8.87 -11.54
C05 JFJ D . -12.55 -8.21 -10.36
C06 JFJ D . -13.81 -8.30 -9.80
C07 JFJ D . -14.80 -9.04 -10.40
C08 JFJ D . -14.50 -9.69 -11.60
C09 JFJ D . -13.24 -9.56 -12.19
CL10 JFJ D . -15.77 -10.52 -12.44
#